data_3G81
#
_entry.id   3G81
#
_cell.length_a   55.384
_cell.length_b   107.980
_cell.length_c   55.668
_cell.angle_alpha   90.000
_cell.angle_beta   92.200
_cell.angle_gamma   90.000
#
_symmetry.space_group_name_H-M   'P 1 21 1'
#
loop_
_entity.id
_entity.type
_entity.pdbx_description
1 polymer 'Pulmonary surfactant-associated protein D'
2 non-polymer 'CALCIUM ION'
3 non-polymer 'methyl alpha-D-mannopyranoside'
4 water water
#
_entity_poly.entity_id   1
_entity_poly.type   'polypeptide(L)'
_entity_poly.pdbx_seq_one_letter_code
;AMADIGSDVASLRQQVEALQGQVQHLQAAFSQYKKVELFPNGQSVGEKIFKTAGFVKPFTEAQLLCTQAGGQLASPRSAA
ENAALQQLVVAKNEAAFLSMTDSKTEGKFTYPTGESLVYSNWAPGEPNDDGGSEDCVEIFTNGKWNDRACGEKRLVVCEF
;
_entity_poly.pdbx_strand_id   A,B,C
#
# COMPACT_ATOMS: atom_id res chain seq x y z
N ALA A 10 19.90 35.68 17.25
CA ALA A 10 19.83 35.91 15.82
C ALA A 10 20.25 34.69 15.02
N SER A 11 21.20 33.93 15.56
CA SER A 11 21.57 32.67 14.94
C SER A 11 20.47 31.66 15.23
N LEU A 12 19.78 31.85 16.35
CA LEU A 12 18.67 31.00 16.71
C LEU A 12 17.54 31.22 15.70
N ARG A 13 17.32 32.47 15.32
CA ARG A 13 16.28 32.80 14.34
C ARG A 13 16.57 32.16 12.99
N GLN A 14 17.84 32.11 12.61
CA GLN A 14 18.25 31.46 11.37
C GLN A 14 17.92 29.99 11.43
N GLN A 15 18.18 29.38 12.58
CA GLN A 15 17.91 27.97 12.80
C GLN A 15 16.42 27.68 12.77
N VAL A 16 15.64 28.56 13.37
CA VAL A 16 14.19 28.40 13.40
C VAL A 16 13.59 28.54 12.02
N GLU A 17 14.09 29.51 11.25
CA GLU A 17 13.59 29.72 9.90
C GLU A 17 13.96 28.51 9.04
N ALA A 18 15.12 27.92 9.31
CA ALA A 18 15.58 26.76 8.56
C ALA A 18 14.75 25.54 8.92
N LEU A 19 14.58 25.30 10.21
CA LEU A 19 13.79 24.17 10.66
C LEU A 19 12.35 24.29 10.17
N GLN A 20 11.85 25.52 10.09
CA GLN A 20 10.49 25.73 9.64
C GLN A 20 10.32 25.26 8.19
N GLY A 21 11.29 25.59 7.35
CA GLY A 21 11.26 25.16 5.97
C GLY A 21 11.35 23.64 5.83
N GLN A 22 12.19 23.02 6.66
CA GLN A 22 12.34 21.58 6.64
C GLN A 22 11.06 20.87 7.04
N VAL A 23 10.41 21.40 8.07
CA VAL A 23 9.21 20.79 8.60
C VAL A 23 8.08 20.97 7.62
N GLN A 24 8.06 22.10 6.94
CA GLN A 24 7.00 22.29 5.97
C GLN A 24 7.21 21.44 4.69
N HIS A 25 8.45 21.23 4.30
CA HIS A 25 8.70 20.30 3.19
C HIS A 25 8.30 18.87 3.60
N LEU A 26 8.55 18.52 4.86
CA LEU A 26 8.16 17.21 5.40
C LEU A 26 6.63 17.09 5.43
N GLN A 27 5.93 18.15 5.81
CA GLN A 27 4.47 18.12 5.82
C GLN A 27 3.95 17.90 4.41
N ALA A 28 4.60 18.52 3.45
CA ALA A 28 4.12 18.41 2.06
C ALA A 28 4.38 17.00 1.55
N ALA A 29 5.55 16.45 1.85
CA ALA A 29 5.87 15.10 1.35
C ALA A 29 4.97 14.07 2.00
N PHE A 30 4.77 14.23 3.31
CA PHE A 30 3.91 13.33 4.04
C PHE A 30 2.49 13.35 3.51
N SER A 31 1.97 14.53 3.25
CA SER A 31 0.61 14.64 2.72
C SER A 31 0.47 13.89 1.39
N GLN A 32 1.45 14.06 0.51
CA GLN A 32 1.43 13.36 -0.79
C GLN A 32 1.49 11.86 -0.58
N TYR A 33 2.43 11.41 0.25
CA TYR A 33 2.58 9.97 0.49
C TYR A 33 1.33 9.37 1.16
N LYS A 34 0.64 10.18 1.94
CA LYS A 34 -0.57 9.66 2.57
C LYS A 34 -1.69 9.44 1.53
N LYS A 35 -1.88 10.36 0.60
CA LYS A 35 -2.84 10.12 -0.49
C LYS A 35 -2.49 8.87 -1.27
N VAL A 36 -1.21 8.71 -1.59
CA VAL A 36 -0.75 7.55 -2.35
C VAL A 36 -1.06 6.28 -1.57
N GLU A 37 -0.75 6.31 -0.28
CA GLU A 37 -0.99 5.18 0.60
C GLU A 37 -2.45 4.71 0.61
N LEU A 38 -3.39 5.63 0.60
CA LEU A 38 -4.81 5.25 0.72
C LEU A 38 -5.42 4.81 -0.61
N PHE A 39 -4.68 4.97 -1.70
CA PHE A 39 -5.23 4.55 -2.98
C PHE A 39 -4.71 3.15 -3.35
N PRO A 40 -5.61 2.18 -3.60
CA PRO A 40 -7.06 2.25 -3.62
C PRO A 40 -7.71 1.52 -2.45
N ASN A 41 -6.94 1.13 -1.44
CA ASN A 41 -7.47 0.27 -0.39
C ASN A 41 -7.78 0.95 0.93
N GLY A 42 -7.72 2.27 0.98
CA GLY A 42 -7.96 2.99 2.24
C GLY A 42 -8.93 4.16 2.10
N GLN A 43 -9.46 4.64 3.23
CA GLN A 43 -10.29 5.84 3.25
C GLN A 43 -10.04 6.57 4.55
N SER A 44 -9.79 7.86 4.48
CA SER A 44 -9.68 8.64 5.72
C SER A 44 -10.99 9.37 5.96
N VAL A 45 -11.36 9.47 7.22
CA VAL A 45 -12.54 10.24 7.60
C VAL A 45 -12.24 10.82 8.98
N GLY A 46 -12.21 12.13 9.09
CA GLY A 46 -11.79 12.75 10.32
C GLY A 46 -10.37 12.31 10.65
N GLU A 47 -10.12 11.91 11.88
CA GLU A 47 -8.79 11.44 12.27
C GLU A 47 -8.62 9.93 12.14
N LYS A 48 -9.62 9.26 11.57
CA LYS A 48 -9.63 7.81 11.47
C LYS A 48 -9.26 7.39 10.06
N ILE A 49 -8.58 6.26 9.92
CA ILE A 49 -8.24 5.71 8.61
C ILE A 49 -8.74 4.27 8.54
N PHE A 50 -9.59 3.97 7.56
CA PHE A 50 -9.97 2.58 7.26
C PHE A 50 -9.02 2.02 6.20
N LYS A 51 -8.59 0.78 6.36
CA LYS A 51 -7.85 0.13 5.29
C LYS A 51 -8.23 -1.32 5.20
N THR A 52 -8.56 -1.77 3.99
CA THR A 52 -8.89 -3.17 3.76
C THR A 52 -7.67 -3.99 3.40
N ALA A 53 -7.68 -5.25 3.83
CA ALA A 53 -6.63 -6.18 3.50
C ALA A 53 -6.88 -6.74 2.11
N GLY A 54 -8.10 -6.58 1.62
CA GLY A 54 -8.42 -7.03 0.27
C GLY A 54 -8.80 -8.50 0.16
N PHE A 55 -8.82 -9.20 1.29
CA PHE A 55 -9.32 -10.58 1.32
C PHE A 55 -10.32 -10.78 2.45
N VAL A 56 -10.95 -11.96 2.45
CA VAL A 56 -11.93 -12.31 3.47
C VAL A 56 -11.38 -13.31 4.48
N LYS A 57 -11.95 -13.26 5.69
CA LYS A 57 -11.59 -14.14 6.80
C LYS A 57 -12.79 -14.26 7.73
N PRO A 58 -12.87 -15.35 8.50
CA PRO A 58 -13.87 -15.42 9.57
C PRO A 58 -13.59 -14.33 10.59
N PHE A 59 -14.58 -14.01 11.42
CA PHE A 59 -14.42 -12.91 12.37
C PHE A 59 -13.20 -13.01 13.29
N THR A 60 -13.01 -14.13 13.97
CA THR A 60 -11.93 -14.21 14.94
C THR A 60 -10.57 -13.94 14.28
N GLU A 61 -10.38 -14.51 13.10
CA GLU A 61 -9.14 -14.27 12.34
C GLU A 61 -8.98 -12.82 11.90
N ALA A 62 -10.07 -12.23 11.42
CA ALA A 62 -10.05 -10.83 11.00
C ALA A 62 -9.70 -9.93 12.18
N GLN A 63 -10.35 -10.18 13.30
CA GLN A 63 -10.12 -9.44 14.53
C GLN A 63 -8.65 -9.54 14.93
N LEU A 64 -8.07 -10.74 14.84
CA LEU A 64 -6.67 -10.90 15.22
C LEU A 64 -5.75 -10.11 14.26
N LEU A 65 -6.06 -10.13 12.96
CA LEU A 65 -5.25 -9.37 12.00
C LEU A 65 -5.21 -7.89 12.37
N CYS A 66 -6.37 -7.32 12.72
CA CYS A 66 -6.40 -5.89 13.02
C CYS A 66 -5.66 -5.56 14.30
N THR A 67 -5.86 -6.37 15.35
CA THR A 67 -5.19 -6.07 16.62
C THR A 67 -3.67 -6.24 16.49
N GLN A 68 -3.22 -7.28 15.81
CA GLN A 68 -1.78 -7.49 15.61
C GLN A 68 -1.17 -6.34 14.81
N ALA A 69 -1.99 -5.69 13.98
CA ALA A 69 -1.55 -4.55 13.19
C ALA A 69 -1.58 -3.24 13.95
N GLY A 70 -2.04 -3.29 15.19
CA GLY A 70 -2.10 -2.10 16.02
C GLY A 70 -3.35 -1.27 15.86
N GLY A 71 -4.36 -1.87 15.25
CA GLY A 71 -5.64 -1.20 15.05
C GLY A 71 -6.77 -2.05 15.60
N GLN A 72 -7.94 -1.93 14.99
CA GLN A 72 -9.07 -2.77 15.33
C GLN A 72 -9.98 -2.88 14.13
N LEU A 73 -10.93 -3.81 14.17
CA LEU A 73 -11.83 -3.96 13.02
C LEU A 73 -12.63 -2.69 12.87
N ALA A 74 -13.07 -2.40 11.64
CA ALA A 74 -13.82 -1.18 11.35
C ALA A 74 -14.97 -0.99 12.34
N SER A 75 -15.07 0.22 12.89
CA SER A 75 -16.06 0.55 13.91
C SER A 75 -16.66 1.91 13.61
N PRO A 76 -17.53 1.99 12.59
CA PRO A 76 -18.13 3.28 12.25
C PRO A 76 -18.93 3.85 13.41
N ARG A 77 -18.62 5.07 13.81
CA ARG A 77 -19.31 5.66 14.95
C ARG A 77 -20.22 6.83 14.56
N SER A 78 -20.38 7.06 13.27
CA SER A 78 -21.22 8.14 12.78
C SER A 78 -21.59 7.85 11.33
N ALA A 79 -22.55 8.61 10.80
CA ALA A 79 -22.96 8.45 9.42
C ALA A 79 -21.79 8.71 8.48
N ALA A 80 -20.94 9.67 8.82
CA ALA A 80 -19.79 10.02 7.97
C ALA A 80 -18.79 8.87 7.93
N GLU A 81 -18.45 8.33 9.10
CA GLU A 81 -17.60 7.15 9.12
C GLU A 81 -18.22 5.99 8.35
N ASN A 82 -19.52 5.76 8.53
CA ASN A 82 -20.14 4.65 7.82
C ASN A 82 -20.07 4.84 6.30
N ALA A 83 -20.24 6.07 5.84
CA ALA A 83 -20.18 6.37 4.41
C ALA A 83 -18.79 6.10 3.86
N ALA A 84 -17.77 6.51 4.61
CA ALA A 84 -16.39 6.25 4.22
C ALA A 84 -16.13 4.76 4.13
N LEU A 85 -16.54 3.99 5.15
CA LEU A 85 -16.36 2.56 5.12
C LEU A 85 -17.09 1.96 3.92
N GLN A 86 -18.30 2.45 3.67
CA GLN A 86 -19.12 1.96 2.56
C GLN A 86 -18.39 2.08 1.21
N GLN A 87 -17.61 3.15 1.03
CA GLN A 87 -16.83 3.29 -0.22
C GLN A 87 -15.92 2.11 -0.47
N LEU A 88 -15.21 1.65 0.56
CA LEU A 88 -14.33 0.51 0.41
C LEU A 88 -15.07 -0.78 0.12
N VAL A 89 -16.18 -1.01 0.82
CA VAL A 89 -16.95 -2.22 0.59
C VAL A 89 -17.47 -2.25 -0.84
N VAL A 90 -17.96 -1.11 -1.30
CA VAL A 90 -18.47 -0.95 -2.66
C VAL A 90 -17.34 -1.20 -3.67
N ALA A 91 -16.16 -0.64 -3.41
CA ALA A 91 -15.04 -0.78 -4.33
C ALA A 91 -14.58 -2.23 -4.48
N LYS A 92 -14.59 -2.96 -3.37
CA LYS A 92 -14.18 -4.36 -3.39
C LYS A 92 -15.36 -5.27 -3.72
N ASN A 93 -16.55 -4.69 -3.70
CA ASN A 93 -17.77 -5.46 -3.91
C ASN A 93 -17.84 -6.66 -2.99
N GLU A 94 -17.48 -6.46 -1.73
CA GLU A 94 -17.54 -7.52 -0.72
C GLU A 94 -17.99 -6.94 0.61
N ALA A 95 -19.03 -7.51 1.20
CA ALA A 95 -19.45 -7.16 2.57
C ALA A 95 -18.30 -7.38 3.54
N ALA A 96 -18.22 -6.54 4.56
CA ALA A 96 -17.11 -6.56 5.50
C ALA A 96 -17.61 -6.74 6.93
N PHE A 97 -16.80 -7.37 7.77
CA PHE A 97 -17.09 -7.39 9.21
C PHE A 97 -16.84 -6.02 9.88
N LEU A 98 -17.69 -5.71 10.85
CA LEU A 98 -17.41 -4.62 11.80
C LEU A 98 -16.85 -5.24 13.07
N SER A 99 -16.42 -4.41 14.00
CA SER A 99 -15.79 -4.90 15.22
C SER A 99 -16.79 -5.41 16.26
N MET A 100 -18.06 -5.02 16.12
CA MET A 100 -18.99 -5.12 17.24
C MET A 100 -19.70 -6.49 17.32
N THR A 101 -19.96 -6.97 18.54
CA THR A 101 -20.62 -8.26 18.72
C THR A 101 -21.63 -8.18 19.87
N ASP A 102 -22.60 -9.10 19.91
CA ASP A 102 -23.43 -9.23 21.11
C ASP A 102 -23.22 -10.60 21.72
N SER A 103 -21.97 -11.03 21.74
CA SER A 103 -21.61 -12.33 22.29
C SER A 103 -21.80 -12.40 23.80
N LYS A 104 -21.60 -11.28 24.48
CA LYS A 104 -21.70 -11.29 25.94
C LYS A 104 -23.16 -11.33 26.39
N THR A 105 -23.96 -10.44 25.82
CA THR A 105 -25.38 -10.34 26.14
C THR A 105 -26.15 -10.24 24.85
N GLU A 106 -26.89 -11.30 24.52
CA GLU A 106 -27.63 -11.36 23.27
C GLU A 106 -28.54 -10.14 23.08
N GLY A 107 -28.49 -9.55 21.88
CA GLY A 107 -29.31 -8.41 21.55
C GLY A 107 -28.64 -7.08 21.84
N LYS A 108 -27.52 -7.12 22.57
CA LYS A 108 -26.83 -5.92 22.99
C LYS A 108 -25.42 -5.84 22.37
N PHE A 109 -25.31 -5.12 21.27
CA PHE A 109 -24.05 -5.04 20.54
C PHE A 109 -23.08 -4.05 21.16
N THR A 110 -21.83 -4.46 21.30
CA THR A 110 -20.83 -3.60 21.92
C THR A 110 -19.56 -3.54 21.10
N TYR A 111 -18.81 -2.44 21.25
CA TYR A 111 -17.44 -2.36 20.74
C TYR A 111 -16.54 -3.29 21.55
N PRO A 112 -15.33 -3.59 21.04
CA PRO A 112 -14.40 -4.49 21.73
C PRO A 112 -14.12 -4.08 23.18
N THR A 113 -14.27 -2.79 23.49
CA THR A 113 -14.10 -2.30 24.86
C THR A 113 -15.24 -2.66 25.81
N GLY A 114 -16.41 -2.96 25.27
CA GLY A 114 -17.56 -3.30 26.09
C GLY A 114 -18.59 -2.19 26.10
N GLU A 115 -18.22 -1.04 25.54
CA GLU A 115 -19.11 0.11 25.40
C GLU A 115 -20.27 -0.17 24.43
N SER A 116 -21.47 0.31 24.75
CA SER A 116 -22.63 0.17 23.86
C SER A 116 -22.53 1.02 22.61
N LEU A 117 -23.21 0.62 21.54
CA LEU A 117 -23.15 1.35 20.27
C LEU A 117 -23.59 2.80 20.45
N VAL A 118 -22.89 3.72 19.79
CA VAL A 118 -23.32 5.12 19.73
C VAL A 118 -23.93 5.49 18.38
N TYR A 119 -23.92 4.52 17.46
CA TYR A 119 -24.39 4.69 16.09
C TYR A 119 -24.70 3.31 15.55
N SER A 120 -25.77 3.19 14.76
CA SER A 120 -26.05 1.93 14.10
C SER A 120 -26.71 2.21 12.77
N ASN A 121 -26.68 1.24 11.87
CA ASN A 121 -27.28 1.43 10.56
C ASN A 121 -27.93 0.15 10.06
N TRP A 122 -28.72 -0.49 10.94
CA TRP A 122 -29.27 -1.80 10.66
C TRP A 122 -30.21 -1.78 9.47
N ALA A 123 -30.06 -2.76 8.60
CA ALA A 123 -31.01 -2.96 7.51
C ALA A 123 -32.38 -3.28 8.10
N PRO A 124 -33.46 -3.07 7.33
CA PRO A 124 -34.79 -3.39 7.86
C PRO A 124 -34.89 -4.83 8.37
N GLY A 125 -35.50 -5.01 9.54
CA GLY A 125 -35.64 -6.33 10.14
C GLY A 125 -34.43 -6.81 10.94
N GLU A 126 -33.35 -6.04 10.92
CA GLU A 126 -32.12 -6.44 11.59
C GLU A 126 -31.91 -5.60 12.82
N PRO A 127 -31.15 -6.13 13.79
CA PRO A 127 -30.53 -7.45 13.81
C PRO A 127 -31.53 -8.51 14.27
N ASN A 128 -31.51 -9.70 13.66
CA ASN A 128 -32.55 -10.69 13.95
C ASN A 128 -32.07 -12.00 14.59
N ASP A 129 -30.77 -12.09 14.83
CA ASP A 129 -30.17 -13.29 15.42
C ASP A 129 -30.65 -14.56 14.71
N ASP A 130 -30.52 -14.58 13.40
CA ASP A 130 -31.08 -15.69 12.65
C ASP A 130 -30.49 -17.00 13.11
N GLY A 131 -31.33 -18.02 13.13
CA GLY A 131 -30.87 -19.33 13.57
C GLY A 131 -30.55 -19.36 15.05
N GLY A 132 -30.71 -18.22 15.73
CA GLY A 132 -30.35 -18.12 17.15
C GLY A 132 -28.85 -17.95 17.38
N SER A 133 -28.10 -17.62 16.32
CA SER A 133 -26.64 -17.56 16.42
C SER A 133 -25.99 -16.57 15.45
N GLU A 134 -26.43 -15.33 15.48
CA GLU A 134 -25.72 -14.30 14.73
C GLU A 134 -25.24 -13.22 15.69
N ASP A 135 -23.97 -13.24 16.02
CA ASP A 135 -23.47 -12.31 17.01
C ASP A 135 -22.39 -11.35 16.49
N CYS A 136 -22.03 -11.48 15.22
CA CYS A 136 -21.16 -10.50 14.55
C CYS A 136 -21.98 -9.62 13.61
N VAL A 137 -21.34 -8.62 13.02
CA VAL A 137 -22.04 -7.64 12.20
C VAL A 137 -21.29 -7.44 10.89
N GLU A 138 -22.01 -7.48 9.78
CA GLU A 138 -21.43 -7.17 8.47
C GLU A 138 -22.06 -5.89 7.94
N ILE A 139 -21.31 -5.17 7.11
CA ILE A 139 -21.85 -4.00 6.43
C ILE A 139 -21.92 -4.30 4.93
N PHE A 140 -23.10 -4.11 4.33
CA PHE A 140 -23.31 -4.42 2.92
C PHE A 140 -22.78 -3.31 2.00
N THR A 141 -22.77 -3.57 0.69
CA THR A 141 -22.38 -2.54 -0.28
C THR A 141 -23.30 -1.32 -0.28
N ASN A 142 -24.52 -1.47 0.24
CA ASN A 142 -25.39 -0.29 0.40
C ASN A 142 -25.20 0.43 1.72
N GLY A 143 -24.24 -0.05 2.51
CA GLY A 143 -23.90 0.61 3.75
C GLY A 143 -24.72 0.17 4.95
N LYS A 144 -25.78 -0.60 4.72
CA LYS A 144 -26.61 -1.06 5.84
C LYS A 144 -25.95 -2.25 6.53
N TRP A 145 -26.32 -2.48 7.80
CA TRP A 145 -25.74 -3.54 8.61
C TRP A 145 -26.67 -4.74 8.80
N ASN A 146 -26.08 -5.91 8.98
CA ASN A 146 -26.85 -7.11 9.27
C ASN A 146 -26.07 -7.96 10.26
N ASP A 147 -26.76 -8.54 11.25
CA ASP A 147 -26.06 -9.47 12.10
C ASP A 147 -25.82 -10.79 11.36
N ARG A 148 -24.64 -11.36 11.55
CA ARG A 148 -24.24 -12.51 10.75
C ARG A 148 -23.41 -13.44 11.61
N ALA A 149 -23.45 -14.73 11.32
CA ALA A 149 -22.69 -15.70 12.09
C ALA A 149 -21.19 -15.38 12.01
N CYS A 150 -20.52 -15.46 13.16
CA CYS A 150 -19.12 -15.05 13.26
C CYS A 150 -18.19 -15.94 12.44
N GLY A 151 -18.64 -17.15 12.12
CA GLY A 151 -17.84 -18.11 11.39
C GLY A 151 -17.83 -17.90 9.88
N GLU A 152 -18.71 -17.04 9.39
CA GLU A 152 -18.71 -16.74 7.95
C GLU A 152 -17.49 -15.90 7.63
N LYS A 153 -17.10 -15.86 6.36
CA LYS A 153 -15.92 -15.08 5.93
C LYS A 153 -16.35 -13.80 5.28
N ARG A 154 -15.78 -12.68 5.71
CA ARG A 154 -16.16 -11.37 5.16
C ARG A 154 -14.91 -10.52 4.94
N LEU A 155 -15.02 -9.47 4.13
CA LEU A 155 -13.87 -8.61 3.83
C LEU A 155 -13.28 -8.09 5.13
N VAL A 156 -11.96 -8.10 5.23
CA VAL A 156 -11.25 -7.59 6.40
C VAL A 156 -10.90 -6.12 6.21
N VAL A 157 -11.44 -5.28 7.07
CA VAL A 157 -11.17 -3.86 7.02
C VAL A 157 -10.83 -3.43 8.43
N CYS A 158 -9.65 -2.86 8.60
CA CYS A 158 -9.21 -2.41 9.92
C CYS A 158 -9.32 -0.90 10.00
N GLU A 159 -9.40 -0.37 11.21
CA GLU A 159 -9.31 1.06 11.38
C GLU A 159 -8.09 1.39 12.23
N PHE A 160 -7.47 2.51 11.88
CA PHE A 160 -6.27 2.97 12.60
C PHE A 160 -6.43 4.45 12.98
N ALA B 10 18.26 30.76 26.39
CA ALA B 10 18.84 29.42 26.43
C ALA B 10 17.77 28.33 26.35
N SER B 11 16.63 28.55 27.01
CA SER B 11 15.56 27.57 26.93
C SER B 11 15.03 27.50 25.49
N LEU B 12 14.91 28.67 24.85
CA LEU B 12 14.54 28.71 23.44
C LEU B 12 15.58 27.97 22.60
N ARG B 13 16.84 28.09 22.97
CA ARG B 13 17.94 27.40 22.29
C ARG B 13 17.77 25.89 22.44
N GLN B 14 17.55 25.45 23.68
CA GLN B 14 17.37 24.03 23.94
C GLN B 14 16.15 23.46 23.24
N GLN B 15 15.10 24.26 23.11
CA GLN B 15 13.90 23.83 22.38
C GLN B 15 14.21 23.62 20.91
N VAL B 16 14.93 24.55 20.30
CA VAL B 16 15.31 24.44 18.90
C VAL B 16 16.17 23.19 18.66
N GLU B 17 17.12 22.93 19.55
CA GLU B 17 17.97 21.75 19.43
C GLU B 17 17.18 20.45 19.52
N ALA B 18 16.22 20.41 20.45
CA ALA B 18 15.35 19.26 20.61
C ALA B 18 14.52 19.04 19.34
N LEU B 19 13.90 20.11 18.83
CA LEU B 19 13.18 20.05 17.56
C LEU B 19 14.06 19.53 16.41
N GLN B 20 15.30 20.01 16.34
CA GLN B 20 16.22 19.51 15.32
C GLN B 20 16.36 17.99 15.37
N GLY B 21 16.49 17.44 16.56
CA GLY B 21 16.64 16.00 16.71
C GLY B 21 15.38 15.23 16.30
N GLN B 22 14.23 15.81 16.65
CA GLN B 22 12.95 15.18 16.34
C GLN B 22 12.72 15.16 14.84
N VAL B 23 13.10 16.26 14.19
CA VAL B 23 12.91 16.38 12.75
C VAL B 23 13.85 15.45 12.00
N GLN B 24 15.10 15.36 12.45
CA GLN B 24 16.02 14.42 11.85
C GLN B 24 15.47 13.01 11.95
N HIS B 25 14.89 12.66 13.09
CA HIS B 25 14.36 11.31 13.24
C HIS B 25 13.18 11.06 12.27
N LEU B 26 12.29 12.03 12.12
CA LEU B 26 11.16 11.86 11.20
C LEU B 26 11.64 11.74 9.76
N GLN B 27 12.62 12.56 9.39
CA GLN B 27 13.11 12.52 8.02
C GLN B 27 13.70 11.17 7.67
N ALA B 28 14.47 10.63 8.61
CA ALA B 28 15.15 9.36 8.40
C ALA B 28 14.14 8.22 8.36
N ALA B 29 13.20 8.24 9.29
CA ALA B 29 12.20 7.17 9.37
C ALA B 29 11.27 7.20 8.16
N PHE B 30 10.90 8.41 7.74
CA PHE B 30 9.99 8.60 6.60
C PHE B 30 10.67 8.21 5.30
N SER B 31 11.97 8.47 5.22
CA SER B 31 12.68 8.16 3.99
C SER B 31 12.60 6.65 3.69
N GLN B 32 12.66 5.84 4.74
CA GLN B 32 12.55 4.39 4.59
C GLN B 32 11.14 3.98 4.16
N TYR B 33 10.14 4.56 4.80
CA TYR B 33 8.75 4.22 4.47
C TYR B 33 8.33 4.61 3.05
N LYS B 34 8.97 5.63 2.51
CA LYS B 34 8.66 6.04 1.14
C LYS B 34 8.97 4.89 0.20
N LYS B 35 10.13 4.28 0.38
CA LYS B 35 10.51 3.14 -0.46
C LYS B 35 9.56 1.96 -0.27
N VAL B 36 9.25 1.69 0.98
CA VAL B 36 8.40 0.55 1.33
C VAL B 36 7.02 0.76 0.71
N GLU B 37 6.48 1.96 0.88
CA GLU B 37 5.14 2.29 0.36
C GLU B 37 5.04 2.13 -1.17
N LEU B 38 6.06 2.53 -1.89
CA LEU B 38 5.96 2.51 -3.36
C LEU B 38 6.19 1.12 -3.94
N PHE B 39 6.62 0.18 -3.12
CA PHE B 39 6.82 -1.20 -3.57
C PHE B 39 5.53 -1.98 -3.33
N PRO B 40 4.97 -2.63 -4.36
CA PRO B 40 5.43 -2.76 -5.76
C PRO B 40 4.61 -1.96 -6.77
N ASN B 41 3.67 -1.15 -6.29
CA ASN B 41 2.68 -0.55 -7.17
C ASN B 41 2.86 0.94 -7.40
N GLY B 42 3.97 1.51 -6.94
CA GLY B 42 4.18 2.94 -7.10
C GLY B 42 5.48 3.26 -7.82
N GLN B 43 5.59 4.46 -8.34
CA GLN B 43 6.79 4.89 -9.02
C GLN B 43 6.93 6.39 -8.82
N SER B 44 8.05 6.82 -8.25
CA SER B 44 8.27 8.23 -8.01
C SER B 44 9.08 8.77 -9.18
N VAL B 45 8.78 9.98 -9.64
CA VAL B 45 9.58 10.59 -10.69
C VAL B 45 9.52 12.10 -10.53
N GLY B 46 10.65 12.73 -10.24
CA GLY B 46 10.64 14.14 -9.90
C GLY B 46 9.78 14.34 -8.66
N GLU B 47 8.84 15.28 -8.72
CA GLU B 47 7.92 15.50 -7.61
C GLU B 47 6.58 14.78 -7.77
N LYS B 48 6.48 13.91 -8.76
CA LYS B 48 5.21 13.25 -9.08
C LYS B 48 5.27 11.79 -8.61
N ILE B 49 4.14 11.23 -8.20
CA ILE B 49 4.12 9.81 -7.88
C ILE B 49 2.99 9.15 -8.65
N PHE B 50 3.30 8.10 -9.42
CA PHE B 50 2.27 7.26 -10.04
C PHE B 50 1.99 6.06 -9.12
N LYS B 51 0.73 5.64 -9.06
CA LYS B 51 0.37 4.49 -8.24
C LYS B 51 -0.73 3.74 -8.95
N THR B 52 -0.52 2.44 -9.20
CA THR B 52 -1.57 1.67 -9.86
C THR B 52 -2.46 0.97 -8.84
N ALA B 53 -3.75 0.89 -9.19
CA ALA B 53 -4.73 0.14 -8.40
C ALA B 53 -4.56 -1.35 -8.63
N GLY B 54 -3.88 -1.72 -9.71
CA GLY B 54 -3.59 -3.10 -10.00
C GLY B 54 -4.72 -3.82 -10.72
N PHE B 55 -5.76 -3.09 -11.09
CA PHE B 55 -6.87 -3.70 -11.83
C PHE B 55 -7.30 -2.80 -12.98
N VAL B 56 -8.20 -3.30 -13.84
CA VAL B 56 -8.65 -2.55 -15.01
C VAL B 56 -10.07 -1.99 -14.83
N LYS B 57 -10.35 -0.85 -15.45
CA LYS B 57 -11.69 -0.25 -15.44
C LYS B 57 -11.87 0.58 -16.71
N PRO B 58 -13.12 0.84 -17.11
CA PRO B 58 -13.34 1.77 -18.22
C PRO B 58 -12.94 3.17 -17.76
N PHE B 59 -12.71 4.04 -18.72
CA PHE B 59 -12.17 5.37 -18.43
C PHE B 59 -12.94 6.15 -17.38
N THR B 60 -14.25 6.26 -17.54
CA THR B 60 -15.02 7.11 -16.66
C THR B 60 -14.89 6.65 -15.22
N GLU B 61 -14.87 5.33 -15.03
CA GLU B 61 -14.73 4.74 -13.71
C GLU B 61 -13.31 4.97 -13.17
N ALA B 62 -12.32 4.79 -14.03
CA ALA B 62 -10.92 5.00 -13.64
C ALA B 62 -10.68 6.43 -13.20
N GLN B 63 -11.24 7.37 -13.95
CA GLN B 63 -11.07 8.79 -13.68
C GLN B 63 -11.70 9.19 -12.35
N LEU B 64 -12.87 8.63 -12.07
CA LEU B 64 -13.54 8.88 -10.81
C LEU B 64 -12.73 8.36 -9.62
N LEU B 65 -12.20 7.15 -9.74
CA LEU B 65 -11.35 6.58 -8.68
C LEU B 65 -10.19 7.51 -8.34
N CYS B 66 -9.50 7.99 -9.37
CA CYS B 66 -8.36 8.87 -9.15
C CYS B 66 -8.79 10.17 -8.52
N THR B 67 -9.87 10.76 -9.03
CA THR B 67 -10.21 12.10 -8.55
C THR B 67 -10.74 12.04 -7.12
N GLN B 68 -11.48 10.97 -6.82
CA GLN B 68 -11.97 10.80 -5.45
C GLN B 68 -10.86 10.54 -4.45
N ALA B 69 -9.73 10.03 -4.92
CA ALA B 69 -8.57 9.74 -4.07
C ALA B 69 -7.67 10.95 -3.93
N GLY B 70 -8.09 12.07 -4.52
CA GLY B 70 -7.33 13.29 -4.43
C GLY B 70 -6.24 13.41 -5.48
N GLY B 71 -6.31 12.57 -6.51
CA GLY B 71 -5.36 12.63 -7.61
C GLY B 71 -6.03 12.88 -8.95
N GLN B 72 -5.40 12.37 -10.01
CA GLN B 72 -6.01 12.33 -11.34
C GLN B 72 -5.37 11.20 -12.11
N LEU B 73 -5.93 10.82 -13.26
CA LEU B 73 -5.34 9.73 -14.03
C LEU B 73 -3.97 10.14 -14.49
N ALA B 74 -3.09 9.16 -14.68
CA ALA B 74 -1.73 9.40 -15.11
C ALA B 74 -1.65 10.36 -16.29
N SER B 75 -0.82 11.39 -16.14
CA SER B 75 -0.70 12.45 -17.12
C SER B 75 0.78 12.75 -17.37
N PRO B 76 1.47 11.88 -18.10
CA PRO B 76 2.91 12.09 -18.25
C PRO B 76 3.21 13.35 -19.04
N ARG B 77 4.02 14.26 -18.48
CA ARG B 77 4.28 15.54 -19.13
C ARG B 77 5.71 15.68 -19.63
N SER B 78 6.44 14.57 -19.66
CA SER B 78 7.80 14.55 -20.16
C SER B 78 8.18 13.12 -20.46
N ALA B 79 9.24 12.93 -21.25
CA ALA B 79 9.76 11.58 -21.49
C ALA B 79 10.11 10.85 -20.20
N ALA B 80 10.63 11.57 -19.21
CA ALA B 80 11.01 10.94 -17.95
C ALA B 80 9.77 10.41 -17.23
N GLU B 81 8.71 11.21 -17.18
CA GLU B 81 7.48 10.75 -16.56
C GLU B 81 6.90 9.58 -17.32
N ASN B 82 6.97 9.63 -18.65
CA ASN B 82 6.37 8.58 -19.44
C ASN B 82 7.11 7.27 -19.20
N ALA B 83 8.43 7.33 -19.06
CA ALA B 83 9.22 6.12 -18.78
C ALA B 83 8.91 5.54 -17.40
N ALA B 84 8.69 6.42 -16.42
CA ALA B 84 8.37 5.96 -15.08
C ALA B 84 7.03 5.26 -15.10
N LEU B 85 6.06 5.85 -15.79
CA LEU B 85 4.75 5.24 -15.94
C LEU B 85 4.89 3.89 -16.66
N GLN B 86 5.67 3.88 -17.72
CA GLN B 86 5.88 2.64 -18.46
C GLN B 86 6.35 1.48 -17.56
N GLN B 87 7.19 1.79 -16.58
CA GLN B 87 7.69 0.73 -15.69
C GLN B 87 6.56 0.01 -14.96
N LEU B 88 5.54 0.75 -14.53
CA LEU B 88 4.38 0.11 -13.90
C LEU B 88 3.60 -0.69 -14.89
N VAL B 89 3.39 -0.11 -16.07
CA VAL B 89 2.61 -0.79 -17.10
C VAL B 89 3.25 -2.13 -17.45
N VAL B 90 4.58 -2.12 -17.61
CA VAL B 90 5.38 -3.30 -17.89
C VAL B 90 5.27 -4.31 -16.76
N ALA B 91 5.48 -3.85 -15.53
CA ALA B 91 5.38 -4.70 -14.35
C ALA B 91 4.03 -5.40 -14.23
N LYS B 92 2.94 -4.69 -14.51
CA LYS B 92 1.63 -5.29 -14.47
C LYS B 92 1.27 -5.99 -15.79
N ASN B 93 2.08 -5.75 -16.82
CA ASN B 93 1.80 -6.26 -18.15
C ASN B 93 0.38 -5.96 -18.62
N GLU B 94 -0.08 -4.72 -18.41
CA GLU B 94 -1.41 -4.30 -18.80
C GLU B 94 -1.39 -2.84 -19.24
N ALA B 95 -1.80 -2.57 -20.48
CA ALA B 95 -1.88 -1.18 -20.94
C ALA B 95 -2.79 -0.39 -20.01
N ALA B 96 -2.51 0.90 -19.83
CA ALA B 96 -3.23 1.76 -18.89
C ALA B 96 -3.81 2.99 -19.56
N PHE B 97 -4.89 3.52 -19.00
CA PHE B 97 -5.42 4.81 -19.45
C PHE B 97 -4.58 5.97 -18.96
N LEU B 98 -4.45 6.99 -19.83
CA LEU B 98 -3.94 8.27 -19.39
C LEU B 98 -5.15 9.18 -19.11
N SER B 99 -4.90 10.40 -18.62
CA SER B 99 -6.01 11.29 -18.28
C SER B 99 -6.62 11.99 -19.49
N MET B 100 -5.88 12.05 -20.59
CA MET B 100 -6.21 12.99 -21.66
C MET B 100 -7.24 12.46 -22.66
N THR B 101 -8.10 13.35 -23.14
CA THR B 101 -9.13 12.97 -24.13
C THR B 101 -9.33 14.06 -25.18
N ASP B 102 -9.93 13.70 -26.32
CA ASP B 102 -10.32 14.72 -27.29
C ASP B 102 -11.85 14.73 -27.41
N SER B 103 -12.51 14.40 -26.32
CA SER B 103 -13.96 14.33 -26.28
C SER B 103 -14.61 15.66 -26.65
N LYS B 104 -14.01 16.76 -26.20
CA LYS B 104 -14.58 18.08 -26.46
C LYS B 104 -14.43 18.48 -27.92
N THR B 105 -13.20 18.48 -28.42
CA THR B 105 -12.92 18.78 -29.81
C THR B 105 -12.11 17.67 -30.47
N GLU B 106 -12.74 16.93 -31.38
CA GLU B 106 -12.04 15.85 -32.10
C GLU B 106 -10.67 16.30 -32.59
N GLY B 107 -9.65 15.49 -32.32
CA GLY B 107 -8.29 15.78 -32.75
C GLY B 107 -7.46 16.63 -31.80
N LYS B 108 -8.11 17.24 -30.81
CA LYS B 108 -7.44 18.10 -29.84
C LYS B 108 -7.44 17.45 -28.47
N PHE B 109 -6.35 16.75 -28.14
CA PHE B 109 -6.24 16.11 -26.85
C PHE B 109 -5.87 17.12 -25.76
N THR B 110 -6.58 17.08 -24.65
CA THR B 110 -6.32 18.00 -23.55
C THR B 110 -6.24 17.26 -22.21
N TYR B 111 -5.55 17.86 -21.24
CA TYR B 111 -5.59 17.38 -19.86
C TYR B 111 -6.96 17.68 -19.26
N PRO B 112 -7.29 17.09 -18.11
CA PRO B 112 -8.60 17.33 -17.49
C PRO B 112 -8.88 18.80 -17.17
N THR B 113 -7.82 19.60 -17.11
CA THR B 113 -7.96 21.04 -16.91
C THR B 113 -8.29 21.78 -18.21
N GLY B 114 -8.21 21.09 -19.34
CA GLY B 114 -8.45 21.73 -20.63
C GLY B 114 -7.20 22.22 -21.35
N GLU B 115 -6.07 22.18 -20.64
CA GLU B 115 -4.78 22.54 -21.21
C GLU B 115 -4.40 21.56 -22.35
N SER B 116 -3.82 22.07 -23.43
CA SER B 116 -3.32 21.24 -24.51
C SER B 116 -2.05 20.50 -24.10
N LEU B 117 -1.73 19.40 -24.79
CA LEU B 117 -0.61 18.54 -24.38
C LEU B 117 0.76 19.22 -24.49
N VAL B 118 1.61 19.04 -23.47
CA VAL B 118 2.97 19.54 -23.52
C VAL B 118 3.97 18.42 -23.85
N TYR B 119 3.45 17.20 -23.90
CA TYR B 119 4.26 16.04 -24.28
C TYR B 119 3.35 14.98 -24.88
N SER B 120 3.84 14.25 -25.88
CA SER B 120 3.11 13.08 -26.36
C SER B 120 4.09 12.00 -26.82
N ASN B 121 3.66 10.74 -26.81
CA ASN B 121 4.50 9.67 -27.33
C ASN B 121 3.68 8.72 -28.21
N TRP B 122 2.99 9.29 -29.18
CA TRP B 122 2.10 8.53 -30.05
C TRP B 122 2.82 7.47 -30.88
N ALA B 123 2.27 6.26 -30.92
CA ALA B 123 2.77 5.23 -31.82
C ALA B 123 2.57 5.76 -33.24
N PRO B 124 3.35 5.26 -34.21
CA PRO B 124 3.19 5.80 -35.57
C PRO B 124 1.75 5.72 -36.09
N GLY B 125 1.26 6.79 -36.68
CA GLY B 125 -0.08 6.86 -37.25
C GLY B 125 -1.20 7.17 -36.26
N GLU B 126 -0.86 7.24 -34.97
CA GLU B 126 -1.83 7.60 -33.93
C GLU B 126 -1.72 9.07 -33.58
N PRO B 127 -2.82 9.68 -33.09
CA PRO B 127 -4.13 9.07 -32.90
C PRO B 127 -4.85 8.93 -34.24
N ASN B 128 -5.64 7.87 -34.41
CA ASN B 128 -6.34 7.64 -35.67
C ASN B 128 -7.87 7.59 -35.56
N ASP B 129 -8.40 7.93 -34.37
CA ASP B 129 -9.85 7.93 -34.13
C ASP B 129 -10.54 6.74 -34.82
N ASP B 130 -10.01 5.54 -34.59
CA ASP B 130 -10.49 4.36 -35.28
C ASP B 130 -12.00 4.19 -35.10
N GLY B 131 -12.70 3.89 -36.20
CA GLY B 131 -14.15 3.76 -36.13
C GLY B 131 -14.88 5.07 -35.82
N GLY B 132 -14.14 6.18 -35.79
CA GLY B 132 -14.71 7.48 -35.49
C GLY B 132 -15.02 7.71 -34.02
N SER B 133 -14.49 6.86 -33.15
CA SER B 133 -14.89 6.85 -31.73
C SER B 133 -13.79 6.49 -30.75
N GLU B 134 -12.59 7.03 -30.93
CA GLU B 134 -11.53 6.80 -29.96
C GLU B 134 -11.13 8.15 -29.38
N ASP B 135 -11.55 8.42 -28.15
CA ASP B 135 -11.30 9.71 -27.57
C ASP B 135 -10.51 9.67 -26.28
N CYS B 136 -10.15 8.46 -25.84
CA CYS B 136 -9.25 8.27 -24.70
C CYS B 136 -7.89 7.82 -25.20
N VAL B 137 -6.93 7.73 -24.28
CA VAL B 137 -5.57 7.37 -24.65
C VAL B 137 -5.06 6.25 -23.74
N GLU B 138 -4.47 5.22 -24.36
CA GLU B 138 -3.83 4.16 -23.56
C GLU B 138 -2.32 4.17 -23.82
N ILE B 139 -1.55 3.77 -22.83
CA ILE B 139 -0.11 3.62 -23.00
C ILE B 139 0.21 2.14 -22.98
N PHE B 140 0.93 1.68 -24.01
CA PHE B 140 1.32 0.26 -24.13
C PHE B 140 2.53 -0.11 -23.27
N THR B 141 2.86 -1.40 -23.18
CA THR B 141 4.05 -1.80 -22.43
C THR B 141 5.35 -1.28 -23.07
N ASN B 142 5.31 -0.91 -24.35
CA ASN B 142 6.48 -0.29 -24.98
C ASN B 142 6.51 1.22 -24.78
N GLY B 143 5.57 1.74 -24.01
CA GLY B 143 5.58 3.16 -23.68
C GLY B 143 4.86 4.06 -24.67
N LYS B 144 4.46 3.51 -25.81
CA LYS B 144 3.83 4.34 -26.85
C LYS B 144 2.36 4.54 -26.55
N TRP B 145 1.78 5.60 -27.10
CA TRP B 145 0.38 5.93 -26.85
C TRP B 145 -0.47 5.58 -28.04
N ASN B 146 -1.72 5.23 -27.77
CA ASN B 146 -2.70 4.95 -28.83
C ASN B 146 -4.04 5.49 -28.36
N ASP B 147 -4.77 6.16 -29.26
CA ASP B 147 -6.12 6.57 -28.89
C ASP B 147 -7.00 5.34 -28.95
N ARG B 148 -7.90 5.24 -27.97
CA ARG B 148 -8.70 4.04 -27.76
C ARG B 148 -10.08 4.45 -27.26
N ALA B 149 -11.07 3.60 -27.52
CA ALA B 149 -12.43 3.85 -27.04
C ALA B 149 -12.46 3.87 -25.50
N CYS B 150 -13.14 4.87 -24.96
CA CYS B 150 -13.16 5.13 -23.54
C CYS B 150 -13.91 4.04 -22.80
N GLY B 151 -14.75 3.32 -23.54
CA GLY B 151 -15.53 2.24 -22.97
C GLY B 151 -14.74 0.99 -22.65
N GLU B 152 -13.56 0.85 -23.26
CA GLU B 152 -12.69 -0.30 -23.03
C GLU B 152 -12.13 -0.26 -21.61
N LYS B 153 -11.71 -1.40 -21.10
CA LYS B 153 -11.13 -1.48 -19.75
C LYS B 153 -9.62 -1.54 -19.77
N ARG B 154 -8.99 -0.60 -19.06
CA ARG B 154 -7.52 -0.55 -19.02
C ARG B 154 -7.03 -0.38 -17.57
N LEU B 155 -5.75 -0.68 -17.35
CA LEU B 155 -5.14 -0.56 -16.01
C LEU B 155 -5.36 0.84 -15.44
N VAL B 156 -5.77 0.92 -14.18
CA VAL B 156 -5.99 2.19 -13.51
C VAL B 156 -4.68 2.64 -12.85
N VAL B 157 -4.17 3.78 -13.28
CA VAL B 157 -2.96 4.32 -12.69
C VAL B 157 -3.19 5.79 -12.43
N CYS B 158 -3.09 6.19 -11.17
CA CYS B 158 -3.30 7.57 -10.79
C CYS B 158 -1.97 8.26 -10.56
N GLU B 159 -1.98 9.59 -10.59
CA GLU B 159 -0.80 10.36 -10.23
C GLU B 159 -1.17 11.28 -9.06
N PHE B 160 -0.20 11.45 -8.17
CA PHE B 160 -0.33 12.24 -6.97
C PHE B 160 0.87 13.19 -6.84
N SER C 11 8.35 36.59 20.16
CA SER C 11 8.24 36.40 18.71
C SER C 11 8.87 35.07 18.31
N LEU C 12 10.19 34.97 18.44
CA LEU C 12 10.90 33.71 18.23
C LEU C 12 10.26 32.61 19.06
N ARG C 13 9.92 32.94 20.30
CA ARG C 13 9.33 31.97 21.22
C ARG C 13 7.95 31.52 20.74
N GLN C 14 7.35 32.34 19.89
CA GLN C 14 6.05 32.02 19.31
C GLN C 14 6.21 31.09 18.10
N GLN C 15 7.15 31.43 17.22
CA GLN C 15 7.47 30.56 16.09
C GLN C 15 7.93 29.17 16.55
N VAL C 16 8.71 29.13 17.63
CA VAL C 16 9.16 27.85 18.17
C VAL C 16 7.96 27.04 18.67
N GLU C 17 7.01 27.71 19.31
CA GLU C 17 5.83 27.06 19.85
C GLU C 17 4.97 26.45 18.73
N ALA C 18 4.83 27.19 17.63
CA ALA C 18 4.10 26.72 16.47
C ALA C 18 4.83 25.54 15.83
N LEU C 19 6.14 25.66 15.68
CA LEU C 19 6.95 24.57 15.17
C LEU C 19 6.82 23.32 16.04
N GLN C 20 6.78 23.53 17.36
CA GLN C 20 6.62 22.42 18.29
C GLN C 20 5.32 21.69 18.00
N GLY C 21 4.25 22.47 17.85
CA GLY C 21 2.97 21.92 17.49
C GLY C 21 3.01 21.14 16.19
N GLN C 22 3.70 21.67 15.17
CA GLN C 22 3.75 21.00 13.87
C GLN C 22 4.48 19.66 13.96
N VAL C 23 5.58 19.61 14.70
CA VAL C 23 6.34 18.38 14.84
C VAL C 23 5.58 17.32 15.67
N GLN C 24 4.93 17.74 16.75
CA GLN C 24 4.11 16.81 17.52
C GLN C 24 2.98 16.23 16.65
N HIS C 25 2.35 17.08 15.83
CA HIS C 25 1.33 16.58 14.89
C HIS C 25 1.91 15.56 13.92
N LEU C 26 3.07 15.87 13.34
CA LEU C 26 3.71 14.94 12.40
C LEU C 26 4.07 13.61 13.07
N GLN C 27 4.57 13.66 14.32
CA GLN C 27 4.89 12.41 14.99
C GLN C 27 3.66 11.54 15.17
N ALA C 28 2.53 12.14 15.50
CA ALA C 28 1.29 11.36 15.69
C ALA C 28 0.79 10.86 14.33
N ALA C 29 0.81 11.72 13.34
CA ALA C 29 0.32 11.33 12.02
C ALA C 29 1.20 10.25 11.37
N PHE C 30 2.51 10.41 11.53
CA PHE C 30 3.43 9.45 10.96
C PHE C 30 3.28 8.09 11.62
N SER C 31 3.11 8.07 12.94
CA SER C 31 2.97 6.82 13.63
C SER C 31 1.72 6.06 13.15
N GLN C 32 0.62 6.80 13.00
CA GLN C 32 -0.61 6.18 12.48
C GLN C 32 -0.42 5.68 11.06
N TYR C 33 0.28 6.46 10.24
CA TYR C 33 0.50 6.08 8.85
C TYR C 33 1.39 4.84 8.76
N LYS C 34 2.37 4.71 9.65
CA LYS C 34 3.21 3.52 9.60
C LYS C 34 2.37 2.24 9.76
N LYS C 35 1.44 2.26 10.71
CA LYS C 35 0.59 1.09 10.90
C LYS C 35 -0.24 0.78 9.65
N VAL C 36 -0.77 1.84 9.05
CA VAL C 36 -1.59 1.70 7.86
C VAL C 36 -0.76 1.09 6.74
N GLU C 37 0.46 1.58 6.55
CA GLU C 37 1.30 1.07 5.48
C GLU C 37 1.64 -0.43 5.66
N LEU C 38 2.00 -0.83 6.88
CA LEU C 38 2.48 -2.22 7.08
C LEU C 38 1.33 -3.23 7.00
N PHE C 39 0.11 -2.76 7.15
CA PHE C 39 -1.06 -3.64 7.06
C PHE C 39 -1.54 -3.79 5.61
N PRO C 40 -1.62 -5.03 5.08
CA PRO C 40 -1.34 -6.31 5.71
C PRO C 40 -0.04 -6.97 5.24
N ASN C 41 0.78 -6.27 4.45
CA ASN C 41 1.87 -6.92 3.73
C ASN C 41 3.28 -6.64 4.22
N GLY C 42 3.41 -5.97 5.35
CA GLY C 42 4.71 -5.58 5.87
C GLY C 42 4.93 -6.03 7.31
N GLN C 43 6.21 -6.09 7.69
CA GLN C 43 6.61 -6.45 9.05
C GLN C 43 7.84 -5.65 9.39
N SER C 44 7.82 -5.01 10.55
CA SER C 44 8.94 -4.23 10.99
C SER C 44 9.64 -5.06 12.06
N VAL C 45 10.96 -5.11 12.00
CA VAL C 45 11.77 -5.83 12.97
C VAL C 45 13.12 -5.11 13.13
N GLY C 46 13.37 -4.57 14.32
CA GLY C 46 14.54 -3.72 14.48
C GLY C 46 14.48 -2.54 13.53
N GLU C 47 15.55 -2.31 12.78
CA GLU C 47 15.56 -1.23 11.82
C GLU C 47 15.18 -1.69 10.40
N LYS C 48 14.77 -2.94 10.28
CA LYS C 48 14.48 -3.52 8.97
C LYS C 48 12.98 -3.63 8.75
N ILE C 49 12.53 -3.47 7.51
CA ILE C 49 11.13 -3.69 7.17
C ILE C 49 11.07 -4.67 6.00
N PHE C 50 10.34 -5.77 6.17
CA PHE C 50 10.03 -6.70 5.08
C PHE C 50 8.67 -6.29 4.48
N LYS C 51 8.54 -6.35 3.16
CA LYS C 51 7.23 -6.19 2.59
C LYS C 51 7.08 -7.15 1.44
N THR C 52 5.98 -7.88 1.41
CA THR C 52 5.72 -8.76 0.27
C THR C 52 4.93 -8.06 -0.83
N ALA C 53 5.21 -8.44 -2.08
CA ALA C 53 4.41 -7.98 -3.22
C ALA C 53 3.10 -8.74 -3.33
N GLY C 54 2.99 -9.86 -2.62
CA GLY C 54 1.74 -10.60 -2.60
C GLY C 54 1.57 -11.50 -3.81
N PHE C 55 2.58 -11.59 -4.66
CA PHE C 55 2.59 -12.53 -5.79
C PHE C 55 3.93 -13.27 -5.90
N VAL C 56 3.96 -14.29 -6.76
CA VAL C 56 5.17 -15.11 -6.93
C VAL C 56 5.89 -14.77 -8.21
N LYS C 57 7.21 -14.90 -8.20
CA LYS C 57 8.05 -14.74 -9.39
C LYS C 57 9.24 -15.68 -9.28
N PRO C 58 9.89 -15.99 -10.41
CA PRO C 58 11.16 -16.73 -10.36
C PRO C 58 12.23 -15.82 -9.75
N PHE C 59 13.34 -16.40 -9.33
CA PHE C 59 14.31 -15.63 -8.56
C PHE C 59 14.79 -14.35 -9.27
N THR C 60 15.27 -14.47 -10.50
CA THR C 60 15.86 -13.31 -11.16
C THR C 60 14.87 -12.14 -11.23
N GLU C 61 13.61 -12.45 -11.52
CA GLU C 61 12.57 -11.42 -11.59
C GLU C 61 12.24 -10.84 -10.21
N ALA C 62 12.19 -11.69 -9.20
CA ALA C 62 11.97 -11.23 -7.83
C ALA C 62 13.08 -10.28 -7.40
N GLN C 63 14.32 -10.65 -7.68
CA GLN C 63 15.49 -9.88 -7.26
C GLN C 63 15.49 -8.50 -7.91
N LEU C 64 15.08 -8.44 -9.17
CA LEU C 64 15.09 -7.17 -9.88
C LEU C 64 14.00 -6.24 -9.35
N LEU C 65 12.83 -6.77 -9.06
CA LEU C 65 11.75 -6.00 -8.44
C LEU C 65 12.25 -5.32 -7.16
N CYS C 66 12.96 -6.07 -6.32
CA CYS C 66 13.46 -5.52 -5.07
C CYS C 66 14.51 -4.45 -5.31
N THR C 67 15.46 -4.71 -6.20
CA THR C 67 16.55 -3.75 -6.38
C THR C 67 16.08 -2.46 -7.03
N GLN C 68 15.14 -2.57 -7.96
CA GLN C 68 14.59 -1.39 -8.61
C GLN C 68 13.73 -0.57 -7.66
N ALA C 69 13.14 -1.23 -6.68
CA ALA C 69 12.38 -0.53 -5.66
C ALA C 69 13.30 0.09 -4.61
N GLY C 70 14.60 -0.15 -4.75
CA GLY C 70 15.56 0.44 -3.83
C GLY C 70 15.84 -0.39 -2.60
N GLY C 71 15.43 -1.66 -2.61
CA GLY C 71 15.72 -2.54 -1.49
C GLY C 71 16.46 -3.77 -2.01
N GLN C 72 16.24 -4.91 -1.37
CA GLN C 72 16.78 -6.16 -1.90
C GLN C 72 15.91 -7.31 -1.39
N LEU C 73 16.15 -8.52 -1.88
CA LEU C 73 15.35 -9.66 -1.40
C LEU C 73 15.54 -9.89 0.09
N ALA C 74 14.49 -10.39 0.74
CA ALA C 74 14.53 -10.67 2.17
C ALA C 74 15.81 -11.40 2.54
N SER C 75 16.54 -10.87 3.54
CA SER C 75 17.82 -11.43 3.95
C SER C 75 17.84 -11.52 5.46
N PRO C 76 17.12 -12.48 6.03
CA PRO C 76 17.01 -12.57 7.49
C PRO C 76 18.39 -12.88 8.10
N ARG C 77 18.81 -12.08 9.06
CA ARG C 77 20.15 -12.20 9.63
C ARG C 77 20.14 -12.60 11.10
N SER C 78 18.96 -12.94 11.60
CA SER C 78 18.83 -13.32 12.99
C SER C 78 17.53 -14.09 13.13
N ALA C 79 17.37 -14.78 14.25
CA ALA C 79 16.15 -15.50 14.53
C ALA C 79 14.95 -14.55 14.59
N ALA C 80 15.18 -13.33 15.10
CA ALA C 80 14.13 -12.32 15.16
C ALA C 80 13.68 -11.91 13.76
N GLU C 81 14.63 -11.66 12.86
CA GLU C 81 14.27 -11.29 11.49
C GLU C 81 13.55 -12.44 10.80
N ASN C 82 14.04 -13.66 11.01
CA ASN C 82 13.44 -14.80 10.34
C ASN C 82 11.98 -15.01 10.77
N ALA C 83 11.72 -14.84 12.06
CA ALA C 83 10.36 -15.00 12.57
C ALA C 83 9.44 -13.94 11.99
N ALA C 84 9.97 -12.72 11.85
CA ALA C 84 9.19 -11.64 11.24
C ALA C 84 8.84 -11.98 9.79
N LEU C 85 9.86 -12.38 9.03
CA LEU C 85 9.65 -12.80 7.66
C LEU C 85 8.63 -13.94 7.57
N GLN C 86 8.76 -14.89 8.48
CA GLN C 86 7.89 -16.06 8.53
C GLN C 86 6.41 -15.66 8.67
N GLN C 87 6.13 -14.57 9.39
CA GLN C 87 4.74 -14.13 9.52
C GLN C 87 4.13 -13.81 8.15
N LEU C 88 4.89 -13.16 7.27
CA LEU C 88 4.36 -12.84 5.95
C LEU C 88 4.14 -14.09 5.15
N VAL C 89 5.09 -15.02 5.23
CA VAL C 89 4.98 -16.28 4.52
C VAL C 89 3.75 -17.04 4.99
N VAL C 90 3.54 -17.08 6.30
CA VAL C 90 2.39 -17.76 6.87
C VAL C 90 1.09 -17.10 6.42
N ALA C 91 1.09 -15.77 6.41
CA ALA C 91 -0.10 -15.02 6.02
C ALA C 91 -0.49 -15.27 4.58
N LYS C 92 0.50 -15.38 3.70
CA LYS C 92 0.19 -15.58 2.28
C LYS C 92 0.14 -17.07 1.96
N ASN C 93 0.53 -17.87 2.94
CA ASN C 93 0.62 -19.31 2.76
C ASN C 93 1.41 -19.66 1.51
N GLU C 94 2.50 -18.92 1.28
CA GLU C 94 3.33 -19.15 0.10
C GLU C 94 4.78 -19.03 0.49
N ALA C 95 5.58 -20.07 0.22
CA ALA C 95 7.01 -19.99 0.48
C ALA C 95 7.64 -18.85 -0.34
N ALA C 96 8.67 -18.22 0.23
CA ALA C 96 9.28 -17.04 -0.36
C ALA C 96 10.76 -17.25 -0.67
N PHE C 97 11.27 -16.56 -1.70
CA PHE C 97 12.71 -16.50 -1.94
C PHE C 97 13.43 -15.61 -0.93
N LEU C 98 14.61 -16.06 -0.50
CA LEU C 98 15.58 -15.19 0.17
C LEU C 98 16.55 -14.63 -0.86
N SER C 99 17.43 -13.74 -0.44
CA SER C 99 18.37 -13.10 -1.35
C SER C 99 19.58 -13.97 -1.66
N MET C 100 19.84 -14.95 -0.81
CA MET C 100 21.14 -15.62 -0.81
C MET C 100 21.21 -16.75 -1.84
N THR C 101 22.38 -16.95 -2.43
CA THR C 101 22.57 -18.01 -3.42
C THR C 101 23.98 -18.61 -3.32
N ASP C 102 24.16 -19.83 -3.82
CA ASP C 102 25.52 -20.37 -3.95
C ASP C 102 25.89 -20.51 -5.43
N SER C 103 25.38 -19.59 -6.25
CA SER C 103 25.64 -19.58 -7.69
C SER C 103 27.13 -19.49 -8.04
N LYS C 104 27.88 -18.72 -7.27
CA LYS C 104 29.30 -18.53 -7.59
C LYS C 104 30.12 -19.74 -7.17
N THR C 105 29.94 -20.18 -5.93
CA THR C 105 30.68 -21.31 -5.39
C THR C 105 29.73 -22.33 -4.77
N GLU C 106 29.46 -23.41 -5.50
CA GLU C 106 28.56 -24.44 -4.99
C GLU C 106 28.90 -24.81 -3.55
N GLY C 107 27.85 -24.92 -2.73
CA GLY C 107 28.02 -25.32 -1.34
C GLY C 107 28.35 -24.16 -0.42
N LYS C 108 28.57 -22.98 -1.01
CA LYS C 108 28.83 -21.79 -0.21
C LYS C 108 27.82 -20.68 -0.55
N PHE C 109 26.86 -20.50 0.35
CA PHE C 109 25.81 -19.50 0.14
C PHE C 109 26.29 -18.12 0.62
N THR C 110 25.96 -17.10 -0.16
CA THR C 110 26.41 -15.75 0.14
C THR C 110 25.28 -14.75 -0.03
N TYR C 111 25.38 -13.63 0.68
CA TYR C 111 24.48 -12.50 0.47
C TYR C 111 24.79 -11.88 -0.87
N PRO C 112 23.95 -10.95 -1.35
CA PRO C 112 24.19 -10.39 -2.67
C PRO C 112 25.49 -9.57 -2.74
N THR C 113 26.04 -9.23 -1.58
CA THR C 113 27.30 -8.50 -1.52
C THR C 113 28.49 -9.43 -1.76
N GLY C 114 28.35 -10.68 -1.30
CA GLY C 114 29.40 -11.67 -1.45
C GLY C 114 29.77 -12.23 -0.11
N GLU C 115 29.36 -11.51 0.94
CA GLU C 115 29.58 -11.91 2.33
C GLU C 115 29.00 -13.31 2.57
N SER C 116 29.69 -14.13 3.35
CA SER C 116 29.17 -15.44 3.74
C SER C 116 28.08 -15.26 4.80
N LEU C 117 27.23 -16.29 4.97
CA LEU C 117 26.07 -16.20 5.87
C LEU C 117 26.43 -16.03 7.35
N VAL C 118 25.75 -15.10 8.03
CA VAL C 118 25.97 -14.86 9.46
C VAL C 118 24.86 -15.50 10.31
N TYR C 119 23.84 -16.04 9.66
CA TYR C 119 22.73 -16.74 10.32
C TYR C 119 22.15 -17.70 9.30
N SER C 120 21.67 -18.86 9.76
CA SER C 120 20.94 -19.76 8.87
C SER C 120 19.85 -20.52 9.63
N ASN C 121 18.83 -20.94 8.89
CA ASN C 121 17.77 -21.74 9.49
C ASN C 121 17.37 -22.92 8.61
N TRP C 122 18.38 -23.65 8.13
CA TRP C 122 18.13 -24.75 7.19
C TRP C 122 17.25 -25.85 7.78
N ALA C 123 16.31 -26.33 6.99
CA ALA C 123 15.53 -27.52 7.33
C ALA C 123 16.49 -28.71 7.40
N PRO C 124 16.09 -29.77 8.12
CA PRO C 124 17.04 -30.90 8.25
C PRO C 124 17.46 -31.44 6.88
N GLY C 125 18.74 -31.68 6.69
CA GLY C 125 19.23 -32.23 5.44
C GLY C 125 19.61 -31.17 4.41
N GLU C 126 19.12 -29.95 4.60
CA GLU C 126 19.38 -28.87 3.63
C GLU C 126 20.60 -28.05 4.04
N PRO C 127 21.26 -27.40 3.06
CA PRO C 127 20.96 -27.45 1.62
C PRO C 127 21.49 -28.75 0.97
N ASN C 128 20.77 -29.29 0.00
CA ASN C 128 21.15 -30.57 -0.60
C ASN C 128 21.41 -30.56 -2.11
N ASP C 129 21.41 -29.37 -2.71
CA ASP C 129 21.61 -29.24 -4.16
C ASP C 129 20.92 -30.36 -4.97
N ASP C 130 19.64 -30.59 -4.68
CA ASP C 130 18.90 -31.67 -5.34
C ASP C 130 18.98 -31.55 -6.87
N GLY C 131 19.32 -32.66 -7.52
CA GLY C 131 19.46 -32.66 -8.96
C GLY C 131 20.69 -31.90 -9.41
N GLY C 132 21.51 -31.48 -8.46
CA GLY C 132 22.71 -30.74 -8.78
C GLY C 132 22.46 -29.29 -9.21
N SER C 133 21.24 -28.79 -9.00
CA SER C 133 20.92 -27.44 -9.48
C SER C 133 19.96 -26.66 -8.57
N GLU C 134 20.26 -26.61 -7.29
CA GLU C 134 19.48 -25.79 -6.37
C GLU C 134 20.39 -24.74 -5.80
N ASP C 135 20.40 -23.55 -6.40
CA ASP C 135 21.30 -22.48 -5.94
C ASP C 135 20.62 -21.29 -5.29
N CYS C 136 19.30 -21.32 -5.22
CA CYS C 136 18.54 -20.29 -4.49
C CYS C 136 17.97 -20.87 -3.20
N VAL C 137 17.35 -20.03 -2.38
CA VAL C 137 16.86 -20.45 -1.07
C VAL C 137 15.43 -19.98 -0.85
N GLU C 138 14.56 -20.90 -0.43
CA GLU C 138 13.20 -20.55 -0.05
C GLU C 138 13.00 -20.72 1.46
N ILE C 139 12.07 -19.95 2.02
CA ILE C 139 11.70 -20.09 3.42
C ILE C 139 10.28 -20.59 3.46
N PHE C 140 10.04 -21.67 4.21
CA PHE C 140 8.72 -22.30 4.33
C PHE C 140 7.84 -21.60 5.37
N THR C 141 6.55 -21.95 5.40
CA THR C 141 5.66 -21.41 6.42
C THR C 141 6.10 -21.79 7.84
N ASN C 142 6.94 -22.82 7.98
CA ASN C 142 7.47 -23.15 9.30
C ASN C 142 8.75 -22.39 9.61
N GLY C 143 9.18 -21.56 8.67
CA GLY C 143 10.32 -20.69 8.91
C GLY C 143 11.67 -21.30 8.55
N LYS C 144 11.68 -22.61 8.31
CA LYS C 144 12.91 -23.30 7.91
C LYS C 144 13.27 -23.02 6.46
N TRP C 145 14.54 -23.20 6.10
CA TRP C 145 15.03 -22.85 4.77
C TRP C 145 15.32 -24.09 3.94
N ASN C 146 15.16 -23.98 2.63
CA ASN C 146 15.50 -25.06 1.73
C ASN C 146 16.11 -24.50 0.46
N ASP C 147 17.19 -25.11 -0.04
CA ASP C 147 17.70 -24.66 -1.31
C ASP C 147 16.79 -25.16 -2.43
N ARG C 148 16.55 -24.31 -3.43
CA ARG C 148 15.57 -24.61 -4.48
C ARG C 148 16.03 -24.03 -5.80
N ALA C 149 15.57 -24.62 -6.90
CA ALA C 149 15.97 -24.14 -8.21
C ALA C 149 15.53 -22.69 -8.38
N CYS C 150 16.44 -21.86 -8.88
CA CYS C 150 16.17 -20.42 -9.04
C CYS C 150 15.03 -20.13 -10.02
N GLY C 151 14.74 -21.09 -10.90
CA GLY C 151 13.70 -20.89 -11.89
C GLY C 151 12.29 -21.14 -11.40
N GLU C 152 12.13 -21.68 -10.20
CA GLU C 152 10.80 -21.89 -9.65
C GLU C 152 10.26 -20.53 -9.21
N LYS C 153 8.95 -20.46 -9.06
CA LYS C 153 8.27 -19.22 -8.68
C LYS C 153 7.90 -19.26 -7.21
N ARG C 154 8.32 -18.24 -6.48
CA ARG C 154 8.08 -18.17 -5.05
C ARG C 154 7.64 -16.74 -4.69
N LEU C 155 7.07 -16.60 -3.51
CA LEU C 155 6.58 -15.30 -3.03
C LEU C 155 7.72 -14.27 -3.04
N VAL C 156 7.43 -13.09 -3.57
CA VAL C 156 8.39 -12.00 -3.57
C VAL C 156 8.26 -11.20 -2.28
N VAL C 157 9.36 -11.14 -1.53
CA VAL C 157 9.40 -10.34 -0.32
C VAL C 157 10.71 -9.57 -0.34
N CYS C 158 10.63 -8.25 -0.25
CA CYS C 158 11.81 -7.41 -0.24
C CYS C 158 12.07 -6.87 1.17
N GLU C 159 13.28 -6.40 1.41
CA GLU C 159 13.56 -5.72 2.67
C GLU C 159 14.05 -4.31 2.39
N PHE C 160 13.73 -3.40 3.29
CA PHE C 160 14.09 -1.99 3.22
C PHE C 160 14.64 -1.51 4.56
#